data_5ZC9
#
_entry.id   5ZC9
#
_cell.length_a   68.508
_cell.length_b   100.263
_cell.length_c   155.422
_cell.angle_alpha   90.00
_cell.angle_beta   90.00
_cell.angle_gamma   90.00
#
_symmetry.space_group_name_H-M   'I 2 2 2'
#
loop_
_entity.id
_entity.type
_entity.pdbx_description
1 polymer 'Eukaryotic initiation factor 4A-I'
2 polymer "RNA (5'-R(*AP*GP*AP*GP*AP*GP*AP*GP*AP*G)-3')"
3 non-polymer 'PHOSPHOAMINOPHOSPHONIC ACID-ADENYLATE ESTER'
4 non-polymer 'MAGNESIUM ION'
5 non-polymer (1R,2R,3S,3aR,8bS)-6,8-dimethoxy-3a-(4-methoxyphenyl)-N,N-dimethyl-1,8b-bis(oxidanyl)-3-phenyl-2,3-dihydro-1H-cyclopenta[b][1]benzofuran-2-carboxamide
6 water water
#
loop_
_entity_poly.entity_id
_entity_poly.type
_entity_poly.pdbx_seq_one_letter_code
_entity_poly.pdbx_strand_id
1 'polypeptide(L)'
;GPGYQDPEGVIESNWNEIVDSFDDMNLSESLLRGIYAYGFEKPSAIQQRAILPCIKGYDVIAQAQSGTGKTATFAISILQ
QIELDLKATQALVLAPTRELAQQIQKVVMALGDYMGASCHACIGGTNVRAEVQKLQMEAPHIIVGTPGRVFDMLNRRYLS
PKYIKMFVLDEADEMLSRGFKDQIYDIFQKLNSNTQVVLLSATMPSDVLEVTKKFMRDPIRILVKKEELTLEGIRQFYIN
VEREEWKLDTLCDLYETLTITQAVIFINTRRKVDWLTEKMHARDFTVSAMHGDMDQKERDVIMREFRSGSSRVLITTDLL
ARGIDVQQVSLVINYDLPTNRENYIHRIGRGGRFGRKGVAINMVTEEDKRTLRDIETFYNTSIEEMPLNVADLI
;
A
2 'polyribonucleotide' AGAGAGAGAG B
#
loop_
_chem_comp.id
_chem_comp.type
_chem_comp.name
_chem_comp.formula
A RNA linking ADENOSINE-5'-MONOPHOSPHATE 'C10 H14 N5 O7 P'
ANP non-polymer 'PHOSPHOAMINOPHOSPHONIC ACID-ADENYLATE ESTER' 'C10 H17 N6 O12 P3'
G RNA linking GUANOSINE-5'-MONOPHOSPHATE 'C10 H14 N5 O8 P'
MG non-polymer 'MAGNESIUM ION' 'Mg 2'
RCG non-polymer (1R,2R,3S,3aR,8bS)-6,8-dimethoxy-3a-(4-methoxyphenyl)-N,N-dimethyl-1,8b-bis(oxidanyl)-3-phenyl-2,3-dihydro-1H-cyclopenta[b][1]benzofuran-2-carboxamide 'C29 H31 N O7'
#
# COMPACT_ATOMS: atom_id res chain seq x y z
N GLU A 17 -2.32 26.53 3.63
CA GLU A 17 -2.39 25.13 4.03
C GLU A 17 -3.48 24.37 3.26
N ILE A 18 -4.73 24.54 3.67
CA ILE A 18 -5.83 23.73 3.15
C ILE A 18 -6.32 24.30 1.82
N VAL A 19 -6.51 23.43 0.84
CA VAL A 19 -6.99 23.78 -0.50
C VAL A 19 -7.95 22.69 -0.93
N ASP A 20 -9.23 23.03 -1.10
CA ASP A 20 -10.28 22.03 -1.22
C ASP A 20 -10.74 21.79 -2.66
N SER A 21 -9.92 22.13 -3.65
CA SER A 21 -10.30 21.88 -5.04
C SER A 21 -9.06 21.65 -5.89
N PHE A 22 -9.14 20.65 -6.79
CA PHE A 22 -8.05 20.43 -7.73
C PHE A 22 -7.87 21.62 -8.67
N ASP A 23 -8.95 22.36 -8.93
CA ASP A 23 -8.87 23.53 -9.80
C ASP A 23 -8.03 24.65 -9.18
N ASP A 24 -7.83 24.63 -7.87
CA ASP A 24 -7.12 25.69 -7.16
C ASP A 24 -5.68 25.32 -6.83
N MET A 25 -5.10 24.35 -7.54
CA MET A 25 -3.76 23.87 -7.24
C MET A 25 -2.74 24.20 -8.33
N ASN A 26 -3.10 25.09 -9.26
CA ASN A 26 -2.19 25.51 -10.34
C ASN A 26 -1.66 24.32 -11.13
N LEU A 27 -2.50 23.30 -11.31
CA LEU A 27 -2.07 22.14 -12.05
C LEU A 27 -2.16 22.38 -13.55
N SER A 28 -1.32 21.67 -14.30
CA SER A 28 -1.42 21.69 -15.76
C SER A 28 -2.83 21.31 -16.19
N GLU A 29 -3.25 21.86 -17.34
CA GLU A 29 -4.61 21.62 -17.81
C GLU A 29 -4.81 20.14 -18.14
N SER A 30 -3.84 19.51 -18.79
CA SER A 30 -3.98 18.10 -19.15
C SER A 30 -3.85 17.19 -17.94
N LEU A 31 -3.12 17.62 -16.91
CA LEU A 31 -3.08 16.85 -15.67
C LEU A 31 -4.44 16.88 -14.97
N LEU A 32 -5.03 18.06 -14.86
CA LEU A 32 -6.36 18.20 -14.29
C LEU A 32 -7.38 17.40 -15.10
N ARG A 33 -7.18 17.32 -16.42
CA ARG A 33 -8.07 16.52 -17.25
C ARG A 33 -7.96 15.04 -16.89
N GLY A 34 -6.74 14.57 -16.58
CA GLY A 34 -6.56 13.18 -16.22
C GLY A 34 -7.16 12.85 -14.86
N ILE A 35 -7.06 13.78 -13.91
CA ILE A 35 -7.68 13.60 -12.61
C ILE A 35 -9.19 13.41 -12.77
N TYR A 36 -9.84 14.31 -13.51
CA TYR A 36 -11.28 14.25 -13.66
C TYR A 36 -11.71 13.05 -14.48
N ALA A 37 -10.95 12.69 -15.52
CA ALA A 37 -11.27 11.49 -16.28
C ALA A 37 -11.13 10.23 -15.45
N TYR A 38 -10.35 10.27 -14.37
CA TYR A 38 -10.15 9.10 -13.53
C TYR A 38 -11.28 8.89 -12.53
N GLY A 39 -12.12 9.90 -12.31
CA GLY A 39 -13.25 9.78 -11.41
C GLY A 39 -13.17 10.63 -10.15
N PHE A 40 -12.07 11.35 -9.95
CA PHE A 40 -11.94 12.21 -8.78
C PHE A 40 -12.74 13.50 -8.99
N GLU A 41 -13.40 13.94 -7.94
CA GLU A 41 -14.15 15.19 -7.97
C GLU A 41 -13.60 16.24 -7.04
N LYS A 42 -13.26 15.87 -5.80
CA LYS A 42 -12.69 16.75 -4.81
C LYS A 42 -11.47 16.10 -4.19
N PRO A 43 -10.46 16.88 -3.82
CA PRO A 43 -9.30 16.31 -3.13
C PRO A 43 -9.69 15.82 -1.74
N SER A 44 -9.15 14.65 -1.38
CA SER A 44 -9.31 14.14 -0.04
C SER A 44 -8.55 15.03 0.96
N ALA A 45 -8.64 14.68 2.24
CA ALA A 45 -8.04 15.51 3.27
C ALA A 45 -6.53 15.61 3.10
N ILE A 46 -5.86 14.47 2.85
CA ILE A 46 -4.41 14.50 2.72
C ILE A 46 -4.00 15.17 1.42
N GLN A 47 -4.79 15.01 0.36
CA GLN A 47 -4.51 15.70 -0.89
C GLN A 47 -4.64 17.21 -0.70
N GLN A 48 -5.59 17.65 0.13
CA GLN A 48 -5.75 19.08 0.40
C GLN A 48 -4.56 19.64 1.15
N ARG A 49 -3.83 18.80 1.88
CA ARG A 49 -2.74 19.27 2.73
C ARG A 49 -1.37 19.12 2.08
N ALA A 50 -1.13 18.03 1.35
CA ALA A 50 0.24 17.65 1.00
C ALA A 50 0.63 17.88 -0.45
N ILE A 51 -0.33 18.01 -1.37
CA ILE A 51 0.03 18.14 -2.79
C ILE A 51 0.82 19.42 -3.03
N LEU A 52 0.35 20.54 -2.47
CA LEU A 52 1.04 21.81 -2.74
C LEU A 52 2.44 21.85 -2.14
N PRO A 53 2.68 21.45 -0.88
CA PRO A 53 4.07 21.41 -0.40
C PRO A 53 4.97 20.54 -1.25
N CYS A 54 4.45 19.41 -1.74
CA CYS A 54 5.26 18.52 -2.58
C CYS A 54 5.59 19.18 -3.91
N ILE A 55 4.59 19.79 -4.55
CA ILE A 55 4.84 20.45 -5.83
C ILE A 55 5.82 21.61 -5.64
N LYS A 56 5.72 22.31 -4.51
CA LYS A 56 6.64 23.41 -4.23
C LYS A 56 8.08 22.93 -4.03
N GLY A 57 8.30 21.62 -3.88
CA GLY A 57 9.64 21.08 -3.81
C GLY A 57 10.17 20.82 -2.41
N TYR A 58 9.34 20.98 -1.38
CA TYR A 58 9.78 20.71 -0.02
C TYR A 58 9.88 19.21 0.22
N ASP A 59 10.79 18.83 1.11
CA ASP A 59 10.74 17.50 1.70
C ASP A 59 9.50 17.39 2.57
N VAL A 60 8.78 16.28 2.45
CA VAL A 60 7.47 16.14 3.08
C VAL A 60 7.35 14.75 3.70
N ILE A 61 6.84 14.69 4.92
CA ILE A 61 6.42 13.46 5.57
C ILE A 61 4.90 13.54 5.71
N ALA A 62 4.19 12.70 4.95
CA ALA A 62 2.74 12.77 4.85
C ALA A 62 2.11 11.50 5.39
N GLN A 63 1.39 11.62 6.49
CA GLN A 63 0.67 10.51 7.10
C GLN A 63 -0.83 10.77 6.99
N ALA A 64 -1.59 9.72 6.66
CA ALA A 64 -3.03 9.81 6.57
C ALA A 64 -3.62 8.42 6.71
N GLN A 65 -4.89 8.38 7.13
CA GLN A 65 -5.57 7.12 7.39
C GLN A 65 -5.62 6.25 6.13
N SER A 66 -5.74 4.94 6.36
CA SER A 66 -5.81 3.97 5.27
C SER A 66 -6.88 4.34 4.26
N GLY A 67 -6.53 4.25 2.98
CA GLY A 67 -7.49 4.38 1.91
C GLY A 67 -7.99 5.78 1.64
N THR A 68 -7.26 6.82 2.05
CA THR A 68 -7.72 8.20 1.87
C THR A 68 -7.00 8.93 0.74
N GLY A 69 -6.28 8.21 -0.12
CA GLY A 69 -5.73 8.79 -1.33
C GLY A 69 -4.29 9.23 -1.27
N LYS A 70 -3.41 8.51 -0.56
CA LYS A 70 -2.01 8.90 -0.51
C LYS A 70 -1.30 8.66 -1.84
N THR A 71 -1.74 7.70 -2.65
CA THR A 71 -1.09 7.45 -3.93
C THR A 71 -1.20 8.66 -4.84
N ALA A 72 -2.42 9.13 -5.08
CA ALA A 72 -2.61 10.30 -5.93
C ALA A 72 -1.99 11.55 -5.33
N THR A 73 -1.79 11.58 -4.00
CA THR A 73 -1.09 12.71 -3.41
C THR A 73 0.30 12.87 -4.03
N PHE A 74 1.08 11.79 -4.08
CA PHE A 74 2.41 11.93 -4.67
C PHE A 74 2.38 11.78 -6.19
N ALA A 75 1.41 11.04 -6.74
CA ALA A 75 1.32 10.88 -8.19
C ALA A 75 1.04 12.23 -8.87
N ILE A 76 0.05 12.96 -8.36
CA ILE A 76 -0.26 14.28 -8.92
C ILE A 76 0.94 15.21 -8.78
N SER A 77 1.61 15.18 -7.64
CA SER A 77 2.74 16.07 -7.40
C SER A 77 3.90 15.75 -8.36
N ILE A 78 4.18 14.46 -8.56
CA ILE A 78 5.25 14.07 -9.49
C ILE A 78 4.91 14.53 -10.90
N LEU A 79 3.70 14.22 -11.37
CA LEU A 79 3.32 14.53 -12.74
C LEU A 79 3.38 16.03 -13.00
N GLN A 80 3.01 16.84 -12.01
CA GLN A 80 3.04 18.29 -12.18
C GLN A 80 4.46 18.82 -12.32
N GLN A 81 5.47 18.12 -11.79
CA GLN A 81 6.85 18.57 -11.81
C GLN A 81 7.63 18.09 -13.03
N ILE A 82 7.14 17.10 -13.76
CA ILE A 82 7.90 16.49 -14.83
C ILE A 82 8.09 17.51 -15.97
N GLU A 83 9.33 17.59 -16.47
CA GLU A 83 9.60 18.29 -17.72
C GLU A 83 9.46 17.28 -18.84
N LEU A 84 8.33 17.33 -19.55
CA LEU A 84 8.02 16.29 -20.53
C LEU A 84 8.98 16.30 -21.70
N ASP A 85 9.55 17.46 -22.03
CA ASP A 85 10.52 17.53 -23.12
C ASP A 85 11.86 16.92 -22.74
N LEU A 86 12.13 16.75 -21.45
CA LEU A 86 13.39 16.15 -20.98
C LEU A 86 13.21 14.64 -20.94
N LYS A 87 13.86 13.94 -21.86
CA LYS A 87 13.70 12.48 -21.98
C LYS A 87 14.70 11.78 -21.04
N ALA A 88 14.46 11.98 -19.75
CA ALA A 88 15.30 11.41 -18.71
C ALA A 88 14.43 11.08 -17.51
N THR A 89 14.93 10.19 -16.66
CA THR A 89 14.21 9.83 -15.46
C THR A 89 14.31 10.96 -14.45
N GLN A 90 13.16 11.48 -14.00
CA GLN A 90 13.11 12.62 -13.11
C GLN A 90 12.52 12.31 -11.74
N ALA A 91 11.82 11.19 -11.59
CA ALA A 91 11.25 10.83 -10.29
C ALA A 91 11.33 9.33 -10.07
N LEU A 92 11.62 8.95 -8.84
CA LEU A 92 11.73 7.55 -8.45
C LEU A 92 10.84 7.30 -7.25
N VAL A 93 9.94 6.32 -7.37
CA VAL A 93 9.04 5.90 -6.29
C VAL A 93 9.40 4.47 -5.92
N LEU A 94 9.63 4.23 -4.63
CA LEU A 94 9.87 2.90 -4.12
C LEU A 94 8.69 2.42 -3.27
N ALA A 95 8.39 1.13 -3.36
CA ALA A 95 7.34 0.48 -2.60
C ALA A 95 7.88 -0.85 -2.09
N PRO A 96 7.32 -1.37 -1.00
CA PRO A 96 7.87 -2.61 -0.42
C PRO A 96 7.55 -3.88 -1.16
N THR A 97 6.55 -3.91 -2.06
CA THR A 97 6.16 -5.15 -2.71
C THR A 97 5.94 -4.91 -4.19
N ARG A 98 6.07 -5.99 -4.96
CA ARG A 98 5.88 -5.91 -6.40
C ARG A 98 4.44 -5.57 -6.75
N GLU A 99 3.48 -6.16 -6.03
CA GLU A 99 2.07 -5.88 -6.34
C GLU A 99 1.74 -4.42 -6.10
N LEU A 100 2.31 -3.82 -5.05
CA LEU A 100 2.01 -2.41 -4.79
C LEU A 100 2.67 -1.52 -5.83
N ALA A 101 3.92 -1.84 -6.22
CA ALA A 101 4.60 -1.04 -7.24
C ALA A 101 3.83 -1.08 -8.56
N GLN A 102 3.29 -2.24 -8.92
CA GLN A 102 2.51 -2.35 -10.15
C GLN A 102 1.22 -1.54 -10.05
N GLN A 103 0.56 -1.58 -8.89
CA GLN A 103 -0.66 -0.80 -8.69
C GLN A 103 -0.38 0.69 -8.81
N ILE A 104 0.73 1.15 -8.22
CA ILE A 104 1.06 2.57 -8.27
C ILE A 104 1.34 3.01 -9.71
N GLN A 105 2.11 2.20 -10.44
CA GLN A 105 2.42 2.52 -11.83
C GLN A 105 1.14 2.74 -12.63
N LYS A 106 0.12 1.92 -12.38
CA LYS A 106 -1.14 2.07 -13.11
C LYS A 106 -1.83 3.38 -12.75
N VAL A 107 -1.82 3.76 -11.47
CA VAL A 107 -2.45 5.01 -11.07
C VAL A 107 -1.74 6.20 -11.72
N VAL A 108 -0.41 6.21 -11.71
CA VAL A 108 0.34 7.28 -12.35
C VAL A 108 -0.02 7.39 -13.82
N MET A 109 -0.11 6.26 -14.51
CA MET A 109 -0.43 6.27 -15.93
C MET A 109 -1.81 6.86 -16.17
N ALA A 110 -2.80 6.49 -15.34
CA ALA A 110 -4.16 6.93 -15.56
C ALA A 110 -4.30 8.44 -15.32
N LEU A 111 -3.71 8.95 -14.24
CA LEU A 111 -3.74 10.39 -14.00
C LEU A 111 -2.94 11.17 -15.04
N GLY A 112 -1.94 10.55 -15.67
CA GLY A 112 -1.15 11.24 -16.67
C GLY A 112 -1.56 10.90 -18.08
N ASP A 113 -2.81 10.43 -18.23
CA ASP A 113 -3.26 9.90 -19.51
C ASP A 113 -3.18 10.95 -20.63
N TYR A 114 -3.52 12.19 -20.32
CA TYR A 114 -3.50 13.25 -21.32
C TYR A 114 -2.20 14.04 -21.34
N MET A 115 -1.16 13.59 -20.63
CA MET A 115 0.06 14.36 -20.50
C MET A 115 1.21 13.86 -21.36
N GLY A 116 1.21 12.60 -21.76
CA GLY A 116 2.37 12.07 -22.44
C GLY A 116 3.57 11.94 -21.53
N ALA A 117 3.35 11.58 -20.27
CA ALA A 117 4.43 11.24 -19.36
C ALA A 117 4.62 9.73 -19.37
N SER A 118 5.88 9.30 -19.34
CA SER A 118 6.19 7.87 -19.27
C SER A 118 6.43 7.47 -17.82
N CYS A 119 5.84 6.34 -17.43
CA CYS A 119 6.03 5.77 -16.10
C CYS A 119 6.23 4.27 -16.23
N HIS A 120 7.36 3.79 -15.71
CA HIS A 120 7.80 2.41 -15.88
C HIS A 120 7.87 1.73 -14.53
N ALA A 121 7.36 0.49 -14.47
CA ALA A 121 7.43 -0.32 -13.26
C ALA A 121 8.71 -1.15 -13.27
N CYS A 122 9.55 -0.97 -12.25
CA CYS A 122 10.87 -1.58 -12.17
C CYS A 122 10.87 -2.54 -10.98
N ILE A 123 10.51 -3.79 -11.22
CA ILE A 123 10.23 -4.72 -10.13
C ILE A 123 10.86 -6.07 -10.39
N GLY A 124 11.17 -6.77 -9.30
CA GLY A 124 11.68 -8.13 -9.41
C GLY A 124 10.66 -9.08 -10.01
N GLY A 125 11.18 -10.20 -10.49
CA GLY A 125 10.34 -11.25 -11.04
C GLY A 125 9.93 -11.07 -12.49
N THR A 126 10.27 -9.95 -13.12
CA THR A 126 9.91 -9.68 -14.50
C THR A 126 11.11 -9.97 -15.41
N ASN A 127 10.83 -10.03 -16.72
CA ASN A 127 11.86 -10.42 -17.68
C ASN A 127 12.93 -9.33 -17.77
N VAL A 128 14.15 -9.69 -17.36
CA VAL A 128 15.23 -8.69 -17.29
C VAL A 128 15.62 -8.20 -18.69
N ARG A 129 15.78 -9.12 -19.63
CA ARG A 129 16.17 -8.73 -20.99
C ARG A 129 15.22 -7.69 -21.55
N ALA A 130 13.91 -7.92 -21.40
CA ALA A 130 12.92 -7.01 -21.94
C ALA A 130 13.01 -5.63 -21.29
N GLU A 131 13.25 -5.59 -19.98
CA GLU A 131 13.34 -4.31 -19.29
C GLU A 131 14.60 -3.55 -19.71
N VAL A 132 15.74 -4.24 -19.76
CA VAL A 132 16.98 -3.61 -20.18
C VAL A 132 16.84 -3.02 -21.58
N GLN A 133 16.22 -3.77 -22.49
CA GLN A 133 15.97 -3.28 -23.84
C GLN A 133 15.16 -1.99 -23.81
N LYS A 134 14.08 -1.97 -23.03
CA LYS A 134 13.22 -0.80 -22.96
C LYS A 134 13.96 0.39 -22.37
N LEU A 135 14.64 0.19 -21.23
CA LEU A 135 15.33 1.29 -20.57
C LEU A 135 16.40 1.89 -21.48
N GLN A 136 17.13 1.05 -22.22
CA GLN A 136 18.17 1.55 -23.11
C GLN A 136 17.59 2.30 -24.29
N MET A 137 16.35 1.99 -24.69
CA MET A 137 15.71 2.74 -25.77
C MET A 137 15.34 4.14 -25.31
N GLU A 138 14.63 4.25 -24.18
CA GLU A 138 14.21 5.56 -23.70
C GLU A 138 14.08 5.53 -22.18
N ALA A 139 14.62 6.57 -21.53
CA ALA A 139 14.55 6.72 -20.09
C ALA A 139 13.16 7.21 -19.67
N PRO A 140 12.38 6.39 -18.98
CA PRO A 140 11.05 6.83 -18.55
C PRO A 140 11.14 8.02 -17.61
N HIS A 141 10.13 8.89 -17.69
CA HIS A 141 10.07 10.04 -16.80
C HIS A 141 10.00 9.61 -15.35
N ILE A 142 9.20 8.59 -15.05
CA ILE A 142 8.93 8.16 -13.69
C ILE A 142 9.22 6.67 -13.58
N ILE A 143 9.95 6.29 -12.54
CA ILE A 143 10.18 4.90 -12.20
C ILE A 143 9.44 4.60 -10.90
N VAL A 144 8.60 3.57 -10.93
CA VAL A 144 7.99 3.02 -9.72
C VAL A 144 8.52 1.60 -9.58
N GLY A 145 9.15 1.30 -8.44
CA GLY A 145 9.73 -0.01 -8.37
C GLY A 145 9.95 -0.50 -6.95
N THR A 146 10.46 -1.67 -6.87
CA THR A 146 10.91 -2.31 -5.66
C THR A 146 12.42 -2.15 -5.53
N PRO A 147 12.95 -2.10 -4.30
CA PRO A 147 14.37 -1.70 -4.13
C PRO A 147 15.36 -2.62 -4.82
N GLY A 148 15.15 -3.94 -4.77
CA GLY A 148 16.12 -4.85 -5.36
C GLY A 148 16.35 -4.59 -6.83
N ARG A 149 15.27 -4.55 -7.61
CA ARG A 149 15.41 -4.38 -9.05
C ARG A 149 15.86 -2.97 -9.41
N VAL A 150 15.40 -1.96 -8.67
CA VAL A 150 15.83 -0.59 -8.93
C VAL A 150 17.33 -0.45 -8.71
N PHE A 151 17.82 -0.95 -7.57
CA PHE A 151 19.25 -0.90 -7.30
C PHE A 151 20.04 -1.68 -8.33
N ASP A 152 19.53 -2.85 -8.73
CA ASP A 152 20.15 -3.63 -9.79
C ASP A 152 20.31 -2.80 -11.06
N MET A 153 19.23 -2.16 -11.50
CA MET A 153 19.28 -1.40 -12.74
C MET A 153 20.13 -0.14 -12.62
N LEU A 154 20.18 0.47 -11.43
CA LEU A 154 21.14 1.54 -11.19
C LEU A 154 22.56 1.01 -11.29
N ASN A 155 22.83 -0.14 -10.66
CA ASN A 155 24.16 -0.74 -10.67
C ASN A 155 24.61 -1.08 -12.09
N ARG A 156 23.69 -1.60 -12.91
CA ARG A 156 24.00 -1.88 -14.30
C ARG A 156 24.04 -0.62 -15.15
N ARG A 157 23.70 0.54 -14.57
CA ARG A 157 23.70 1.82 -15.27
C ARG A 157 22.73 1.84 -16.45
N TYR A 158 21.68 1.02 -16.39
CA TYR A 158 20.57 1.15 -17.32
C TYR A 158 19.52 2.14 -16.83
N LEU A 159 19.47 2.39 -15.52
CA LEU A 159 18.77 3.54 -14.96
C LEU A 159 19.80 4.59 -14.56
N SER A 160 19.52 5.84 -14.90
CA SER A 160 20.44 6.90 -14.53
C SER A 160 19.85 7.77 -13.44
N PRO A 161 20.62 8.06 -12.39
CA PRO A 161 20.16 9.00 -11.36
C PRO A 161 20.37 10.46 -11.72
N LYS A 162 20.92 10.74 -12.91
CA LYS A 162 21.44 12.08 -13.22
C LYS A 162 20.36 13.15 -13.09
N TYR A 163 19.14 12.86 -13.55
CA TYR A 163 18.08 13.86 -13.57
C TYR A 163 16.98 13.59 -12.54
N ILE A 164 17.21 12.68 -11.60
CA ILE A 164 16.19 12.37 -10.60
C ILE A 164 16.17 13.48 -9.56
N LYS A 165 15.08 14.25 -9.53
CA LYS A 165 14.91 15.35 -8.60
C LYS A 165 13.87 15.06 -7.52
N MET A 166 13.18 13.93 -7.61
CA MET A 166 12.14 13.56 -6.64
C MET A 166 12.27 12.08 -6.30
N PHE A 167 12.26 11.78 -5.01
CA PHE A 167 12.46 10.45 -4.48
C PHE A 167 11.37 10.19 -3.45
N VAL A 168 10.52 9.19 -3.70
CA VAL A 168 9.33 8.94 -2.88
C VAL A 168 9.41 7.54 -2.29
N LEU A 169 9.26 7.46 -0.97
CA LEU A 169 9.08 6.19 -0.27
C LEU A 169 7.61 6.11 0.12
N ASP A 170 6.85 5.31 -0.61
CA ASP A 170 5.54 4.92 -0.14
C ASP A 170 5.70 3.82 0.91
N GLU A 171 4.70 3.70 1.80
CA GLU A 171 4.81 2.83 2.97
C GLU A 171 6.16 3.05 3.65
N ALA A 172 6.45 4.33 3.93
CA ALA A 172 7.81 4.74 4.25
C ALA A 172 8.32 4.08 5.52
N ASP A 173 7.45 3.82 6.50
CA ASP A 173 7.93 3.21 7.74
C ASP A 173 8.34 1.75 7.52
N GLU A 174 7.69 1.05 6.57
CA GLU A 174 8.18 -0.27 6.20
C GLU A 174 9.47 -0.17 5.40
N MET A 175 9.60 0.86 4.56
CA MET A 175 10.82 1.05 3.78
C MET A 175 12.01 1.41 4.64
N LEU A 176 11.77 1.85 5.88
CA LEU A 176 12.84 2.18 6.81
C LEU A 176 12.98 1.15 7.92
N SER A 177 12.41 -0.05 7.72
CA SER A 177 12.44 -1.12 8.70
C SER A 177 13.76 -1.87 8.61
N ARG A 178 13.89 -2.92 9.44
CA ARG A 178 15.18 -3.61 9.57
C ARG A 178 15.66 -4.19 8.25
N GLY A 179 14.76 -4.73 7.44
CA GLY A 179 15.19 -5.34 6.21
C GLY A 179 15.30 -4.42 5.02
N PHE A 180 14.73 -3.22 5.11
CA PHE A 180 14.67 -2.31 3.96
C PHE A 180 15.56 -1.08 4.09
N LYS A 181 15.85 -0.63 5.31
CA LYS A 181 16.56 0.65 5.49
C LYS A 181 17.87 0.68 4.71
N ASP A 182 18.68 -0.38 4.85
CA ASP A 182 19.96 -0.42 4.13
C ASP A 182 19.75 -0.42 2.62
N GLN A 183 18.69 -1.09 2.15
CA GLN A 183 18.41 -1.07 0.71
C GLN A 183 18.06 0.33 0.24
N ILE A 184 17.26 1.06 1.03
CA ILE A 184 16.91 2.43 0.67
C ILE A 184 18.15 3.32 0.73
N TYR A 185 19.02 3.11 1.72
CA TYR A 185 20.20 3.96 1.87
C TYR A 185 21.17 3.74 0.72
N ASP A 186 21.31 2.51 0.23
CA ASP A 186 22.19 2.26 -0.90
C ASP A 186 21.70 2.96 -2.16
N ILE A 187 20.37 3.02 -2.34
CA ILE A 187 19.82 3.74 -3.48
C ILE A 187 20.00 5.24 -3.29
N PHE A 188 19.62 5.75 -2.11
CA PHE A 188 19.76 7.18 -1.83
C PHE A 188 21.18 7.67 -2.08
N GLN A 189 22.17 6.82 -1.78
CA GLN A 189 23.57 7.19 -2.00
C GLN A 189 23.88 7.49 -3.45
N LYS A 190 23.13 6.90 -4.38
CA LYS A 190 23.35 7.14 -5.80
C LYS A 190 22.59 8.35 -6.31
N LEU A 191 21.76 8.98 -5.48
CA LEU A 191 20.95 10.11 -5.89
C LEU A 191 21.68 11.42 -5.64
N ASN A 192 21.37 12.42 -6.46
CA ASN A 192 21.93 13.76 -6.29
C ASN A 192 21.55 14.33 -4.94
N SER A 193 22.44 15.16 -4.40
CA SER A 193 22.23 15.75 -3.08
C SER A 193 20.93 16.53 -3.00
N ASN A 194 20.60 17.28 -4.05
CA ASN A 194 19.45 18.18 -4.04
C ASN A 194 18.12 17.46 -4.30
N THR A 195 18.08 16.13 -4.27
CA THR A 195 16.86 15.42 -4.59
C THR A 195 15.82 15.67 -3.51
N GLN A 196 14.59 15.99 -3.93
CA GLN A 196 13.48 16.11 -3.00
C GLN A 196 13.06 14.73 -2.51
N VAL A 197 12.76 14.63 -1.22
CA VAL A 197 12.40 13.36 -0.58
C VAL A 197 10.99 13.51 0.00
N VAL A 198 10.10 12.60 -0.38
CA VAL A 198 8.74 12.58 0.14
C VAL A 198 8.44 11.20 0.70
N LEU A 199 7.92 11.16 1.93
CA LEU A 199 7.58 9.93 2.64
C LEU A 199 6.08 9.90 2.90
N LEU A 200 5.47 8.74 2.67
CA LEU A 200 4.04 8.59 2.92
C LEU A 200 3.78 7.25 3.61
N SER A 201 2.82 7.26 4.55
CA SER A 201 2.37 6.03 5.20
C SER A 201 1.20 6.29 6.13
N ALA A 202 0.37 5.27 6.33
CA ALA A 202 -0.66 5.36 7.37
C ALA A 202 -0.05 5.39 8.77
N THR A 203 1.09 4.73 8.95
CA THR A 203 1.77 4.68 10.24
C THR A 203 3.15 5.33 10.14
N MET A 204 3.54 6.02 11.20
CA MET A 204 4.81 6.73 11.25
C MET A 204 5.29 6.76 12.69
N PRO A 205 5.91 5.68 13.15
CA PRO A 205 6.37 5.61 14.55
C PRO A 205 7.49 6.60 14.81
N SER A 206 7.62 6.97 16.10
CA SER A 206 8.58 8.00 16.46
C SER A 206 10.02 7.58 16.18
N ASP A 207 10.33 6.29 16.26
CA ASP A 207 11.68 5.88 15.92
C ASP A 207 11.96 6.06 14.42
N VAL A 208 10.93 5.91 13.59
CA VAL A 208 11.09 6.15 12.16
C VAL A 208 11.28 7.65 11.90
N LEU A 209 10.44 8.48 12.53
CA LEU A 209 10.60 9.92 12.40
C LEU A 209 11.99 10.38 12.81
N GLU A 210 12.59 9.72 13.79
CA GLU A 210 13.93 10.10 14.22
C GLU A 210 14.95 9.88 13.10
N VAL A 211 14.90 8.72 12.43
CA VAL A 211 15.93 8.43 11.44
C VAL A 211 15.77 9.30 10.19
N THR A 212 14.59 9.87 9.93
CA THR A 212 14.45 10.78 8.80
C THR A 212 15.32 12.01 8.93
N LYS A 213 15.80 12.32 10.15
CA LYS A 213 16.71 13.44 10.33
C LYS A 213 18.04 13.21 9.64
N LYS A 214 18.40 11.96 9.34
CA LYS A 214 19.68 11.68 8.68
C LYS A 214 19.66 11.99 7.20
N PHE A 215 18.48 12.09 6.57
CA PHE A 215 18.45 12.26 5.12
C PHE A 215 17.34 13.18 4.61
N MET A 216 16.64 13.91 5.49
CA MET A 216 15.64 14.85 5.05
C MET A 216 15.93 16.23 5.63
N ARG A 217 15.78 17.26 4.80
CA ARG A 217 16.05 18.64 5.17
C ARG A 217 14.77 19.26 5.74
N ASP A 218 14.75 19.48 7.07
CA ASP A 218 13.64 20.01 7.87
C ASP A 218 12.29 19.83 7.18
N PRO A 219 11.85 18.60 6.98
CA PRO A 219 10.67 18.38 6.15
C PRO A 219 9.38 18.89 6.79
N ILE A 220 8.41 19.17 5.93
CA ILE A 220 7.05 19.44 6.38
C ILE A 220 6.44 18.14 6.87
N ARG A 221 6.01 18.12 8.13
CA ARG A 221 5.42 16.94 8.75
C ARG A 221 3.90 17.11 8.81
N ILE A 222 3.18 16.25 8.09
CA ILE A 222 1.73 16.20 8.13
C ILE A 222 1.36 14.88 8.79
N LEU A 223 1.10 14.90 10.10
CA LEU A 223 1.03 13.70 10.90
C LEU A 223 -0.36 13.50 11.50
N VAL A 224 -0.58 12.27 11.98
CA VAL A 224 -1.85 11.85 12.58
C VAL A 224 -1.54 11.13 13.89
N LYS A 225 -2.20 11.56 14.97
CA LYS A 225 -2.03 10.88 16.25
C LYS A 225 -2.46 9.43 16.13
N LYS A 226 -1.71 8.53 16.78
CA LYS A 226 -1.98 7.10 16.64
C LYS A 226 -3.36 6.75 17.18
N GLU A 227 -3.85 7.48 18.18
CA GLU A 227 -5.18 7.27 18.71
C GLU A 227 -6.28 7.78 17.78
N GLU A 228 -5.94 8.33 16.62
CA GLU A 228 -6.91 8.83 15.67
C GLU A 228 -6.77 8.18 14.31
N LEU A 229 -6.05 7.06 14.24
CA LEU A 229 -5.79 6.39 12.96
C LEU A 229 -6.93 5.49 12.51
N THR A 230 -7.62 4.85 13.45
CA THR A 230 -8.65 3.88 13.06
C THR A 230 -9.79 4.58 12.32
N LEU A 231 -10.28 3.93 11.28
CA LEU A 231 -11.36 4.47 10.47
C LEU A 231 -12.70 4.16 11.14
N GLU A 232 -13.53 5.20 11.27
CA GLU A 232 -14.86 5.01 11.87
C GLU A 232 -15.69 4.00 11.08
N GLY A 233 -15.51 3.96 9.76
CA GLY A 233 -16.29 3.11 8.89
C GLY A 233 -15.89 1.65 8.84
N ILE A 234 -14.89 1.24 9.61
CA ILE A 234 -14.47 -0.16 9.69
C ILE A 234 -14.78 -0.66 11.09
N ARG A 235 -15.82 -1.49 11.21
CA ARG A 235 -16.20 -2.07 12.49
C ARG A 235 -15.26 -3.23 12.81
N GLN A 236 -14.62 -3.17 13.98
CA GLN A 236 -13.66 -4.17 14.39
C GLN A 236 -14.30 -5.12 15.39
N PHE A 237 -14.16 -6.43 15.16
CA PHE A 237 -14.72 -7.44 16.02
C PHE A 237 -13.66 -8.48 16.37
N TYR A 238 -13.97 -9.31 17.37
CA TYR A 238 -13.16 -10.48 17.69
C TYR A 238 -14.06 -11.70 17.81
N ILE A 239 -13.49 -12.87 17.52
CA ILE A 239 -14.16 -14.15 17.70
C ILE A 239 -13.33 -14.97 18.66
N ASN A 240 -13.92 -15.34 19.80
CA ASN A 240 -13.28 -16.27 20.70
C ASN A 240 -13.17 -17.64 20.04
N VAL A 241 -11.96 -18.17 19.97
CA VAL A 241 -11.74 -19.53 19.48
C VAL A 241 -11.08 -20.43 20.51
N GLU A 242 -10.56 -19.87 21.62
CA GLU A 242 -9.99 -20.62 22.73
C GLU A 242 -8.70 -21.33 22.33
N ARG A 243 -8.74 -22.21 21.33
CA ARG A 243 -7.58 -22.96 20.89
C ARG A 243 -7.30 -22.71 19.42
N GLU A 244 -6.02 -22.68 19.07
CA GLU A 244 -5.61 -22.55 17.67
C GLU A 244 -6.28 -23.61 16.81
N GLU A 245 -6.37 -24.84 17.31
CA GLU A 245 -6.85 -25.98 16.54
C GLU A 245 -8.30 -25.85 16.10
N TRP A 246 -9.08 -24.91 16.64
CA TRP A 246 -10.45 -24.71 16.21
C TRP A 246 -10.59 -23.56 15.21
N LYS A 247 -9.51 -22.86 14.91
CA LYS A 247 -9.61 -21.74 13.98
C LYS A 247 -10.08 -22.19 12.60
N LEU A 248 -9.60 -23.34 12.13
CA LEU A 248 -9.97 -23.82 10.80
C LEU A 248 -11.48 -24.03 10.69
N ASP A 249 -12.08 -24.68 11.67
CA ASP A 249 -13.53 -24.91 11.61
C ASP A 249 -14.30 -23.60 11.74
N THR A 250 -13.80 -22.68 12.56
CA THR A 250 -14.45 -21.37 12.69
C THR A 250 -14.44 -20.62 11.38
N LEU A 251 -13.30 -20.63 10.67
CA LEU A 251 -13.23 -19.93 9.38
C LEU A 251 -14.21 -20.55 8.38
N CYS A 252 -14.24 -21.88 8.30
CA CYS A 252 -15.15 -22.53 7.37
C CYS A 252 -16.60 -22.19 7.68
N ASP A 253 -16.95 -22.09 8.97
CA ASP A 253 -18.29 -21.68 9.34
C ASP A 253 -18.61 -20.28 8.83
N LEU A 254 -17.60 -19.44 8.67
CA LEU A 254 -17.83 -18.08 8.20
C LEU A 254 -17.95 -17.97 6.68
N TYR A 255 -17.77 -19.07 5.94
CA TYR A 255 -17.46 -18.95 4.52
C TYR A 255 -18.51 -18.14 3.76
N GLU A 256 -19.78 -18.44 3.98
CA GLU A 256 -20.83 -17.76 3.23
C GLU A 256 -20.93 -16.28 3.58
N THR A 257 -20.41 -15.87 4.74
CA THR A 257 -20.27 -14.44 5.02
C THR A 257 -19.08 -13.86 4.27
N LEU A 258 -17.99 -14.62 4.16
CA LEU A 258 -16.82 -14.14 3.44
C LEU A 258 -17.14 -13.78 1.99
N THR A 259 -18.05 -14.53 1.38
CA THR A 259 -18.33 -14.41 -0.05
C THR A 259 -19.45 -13.43 -0.38
N ILE A 260 -20.08 -12.82 0.63
CA ILE A 260 -21.02 -11.73 0.36
C ILE A 260 -20.35 -10.67 -0.49
N THR A 261 -19.05 -10.48 -0.30
CA THR A 261 -18.29 -9.38 -0.85
C THR A 261 -17.01 -9.94 -1.45
N GLN A 262 -15.87 -9.34 -1.13
CA GLN A 262 -14.59 -10.01 -1.21
C GLN A 262 -13.91 -9.88 0.16
N ALA A 263 -13.13 -10.90 0.52
CA ALA A 263 -12.50 -10.94 1.83
C ALA A 263 -11.02 -11.31 1.70
N VAL A 264 -10.23 -10.78 2.61
CA VAL A 264 -8.82 -11.12 2.73
C VAL A 264 -8.58 -11.73 4.11
N ILE A 265 -7.93 -12.88 4.13
CA ILE A 265 -7.63 -13.60 5.38
C ILE A 265 -6.12 -13.55 5.58
N PHE A 266 -5.68 -12.92 6.67
CA PHE A 266 -4.26 -12.70 6.90
C PHE A 266 -3.68 -13.77 7.80
N ILE A 267 -2.52 -14.29 7.39
CA ILE A 267 -1.80 -15.38 8.04
C ILE A 267 -0.35 -14.94 8.19
N ASN A 268 0.30 -15.36 9.29
CA ASN A 268 1.62 -14.83 9.61
C ASN A 268 2.78 -15.53 8.90
N THR A 269 2.56 -16.68 8.26
CA THR A 269 3.64 -17.41 7.60
C THR A 269 3.16 -17.93 6.26
N ARG A 270 4.10 -17.98 5.29
CA ARG A 270 3.83 -18.64 4.02
C ARG A 270 3.39 -20.08 4.24
N ARG A 271 4.06 -20.79 5.14
CA ARG A 271 3.76 -22.20 5.36
C ARG A 271 2.30 -22.40 5.76
N LYS A 272 1.78 -21.53 6.62
CA LYS A 272 0.41 -21.71 7.09
C LYS A 272 -0.62 -21.26 6.05
N VAL A 273 -0.27 -20.32 5.18
CA VAL A 273 -1.14 -19.99 4.06
C VAL A 273 -1.38 -21.23 3.20
N ASP A 274 -0.30 -21.95 2.87
CA ASP A 274 -0.43 -23.17 2.08
C ASP A 274 -1.23 -24.22 2.84
N TRP A 275 -0.98 -24.36 4.14
CA TRP A 275 -1.71 -25.33 4.95
C TRP A 275 -3.20 -25.03 4.96
N LEU A 276 -3.56 -23.79 5.24
CA LEU A 276 -4.97 -23.43 5.35
C LEU A 276 -5.67 -23.53 4.00
N THR A 277 -4.98 -23.15 2.93
CA THR A 277 -5.59 -23.20 1.60
C THR A 277 -5.94 -24.63 1.21
N GLU A 278 -5.04 -25.58 1.50
CA GLU A 278 -5.32 -26.96 1.13
C GLU A 278 -6.42 -27.56 1.99
N LYS A 279 -6.45 -27.25 3.28
CA LYS A 279 -7.53 -27.71 4.15
C LYS A 279 -8.88 -27.23 3.63
N MET A 280 -8.96 -25.96 3.20
CA MET A 280 -10.24 -25.43 2.75
C MET A 280 -10.61 -25.97 1.37
N HIS A 281 -9.62 -26.19 0.51
CA HIS A 281 -9.89 -26.88 -0.75
C HIS A 281 -10.40 -28.30 -0.50
N ALA A 282 -9.80 -28.99 0.48
CA ALA A 282 -10.22 -30.35 0.80
C ALA A 282 -11.66 -30.41 1.29
N ARG A 283 -12.20 -29.32 1.80
CA ARG A 283 -13.61 -29.22 2.15
C ARG A 283 -14.44 -28.51 1.10
N ASP A 284 -13.89 -28.37 -0.12
CA ASP A 284 -14.61 -27.83 -1.28
C ASP A 284 -14.98 -26.36 -1.11
N PHE A 285 -14.15 -25.59 -0.41
CA PHE A 285 -14.32 -24.15 -0.35
C PHE A 285 -13.42 -23.48 -1.40
N THR A 286 -13.99 -22.51 -2.11
CA THR A 286 -13.26 -21.82 -3.18
C THR A 286 -12.50 -20.65 -2.58
N VAL A 287 -11.17 -20.79 -2.50
CA VAL A 287 -10.30 -19.77 -1.93
C VAL A 287 -8.99 -19.76 -2.70
N SER A 288 -8.38 -18.59 -2.81
CA SER A 288 -7.09 -18.43 -3.46
C SER A 288 -6.02 -18.08 -2.43
N ALA A 289 -4.78 -18.44 -2.74
CA ALA A 289 -3.65 -18.21 -1.84
C ALA A 289 -2.65 -17.29 -2.51
N MET A 290 -1.91 -16.56 -1.68
CA MET A 290 -0.99 -15.52 -2.15
C MET A 290 0.13 -15.39 -1.13
N HIS A 291 1.38 -15.61 -1.57
CA HIS A 291 2.52 -15.28 -0.73
C HIS A 291 3.77 -15.20 -1.60
N GLY A 292 4.88 -14.82 -0.97
CA GLY A 292 6.09 -14.44 -1.69
C GLY A 292 6.92 -15.55 -2.26
N ASP A 293 6.64 -16.80 -1.88
CA ASP A 293 7.35 -17.93 -2.44
C ASP A 293 6.67 -18.49 -3.69
N MET A 294 5.58 -17.88 -4.14
CA MET A 294 5.01 -18.28 -5.43
C MET A 294 5.79 -17.60 -6.55
N ASP A 295 5.76 -18.18 -7.74
CA ASP A 295 6.36 -17.54 -8.90
C ASP A 295 5.65 -16.21 -9.16
N GLN A 296 6.39 -15.27 -9.75
CA GLN A 296 5.80 -13.97 -10.01
C GLN A 296 4.63 -14.10 -10.98
N LYS A 297 4.71 -15.02 -11.94
CA LYS A 297 3.59 -15.22 -12.85
C LYS A 297 2.36 -15.73 -12.10
N GLU A 298 2.56 -16.58 -11.08
CA GLU A 298 1.44 -17.02 -10.24
C GLU A 298 0.87 -15.85 -9.46
N ARG A 299 1.76 -15.05 -8.84
CA ARG A 299 1.32 -13.89 -8.08
C ARG A 299 0.48 -12.95 -8.94
N ASP A 300 0.93 -12.66 -10.17
CA ASP A 300 0.20 -11.77 -11.05
C ASP A 300 -1.17 -12.33 -11.41
N VAL A 301 -1.25 -13.63 -11.68
CA VAL A 301 -2.53 -14.25 -11.99
C VAL A 301 -3.49 -14.10 -10.81
N ILE A 302 -3.04 -14.47 -9.62
CA ILE A 302 -3.91 -14.41 -8.44
C ILE A 302 -4.39 -12.99 -8.20
N MET A 303 -3.48 -12.02 -8.27
CA MET A 303 -3.86 -10.62 -8.03
C MET A 303 -4.89 -10.14 -9.05
N ARG A 304 -4.67 -10.48 -10.33
CA ARG A 304 -5.60 -10.07 -11.37
C ARG A 304 -6.98 -10.69 -11.15
N GLU A 305 -7.02 -11.99 -10.83
CA GLU A 305 -8.31 -12.65 -10.60
C GLU A 305 -9.03 -12.04 -9.40
N PHE A 306 -8.29 -11.69 -8.35
CA PHE A 306 -8.93 -11.07 -7.18
C PHE A 306 -9.44 -9.67 -7.52
N ARG A 307 -8.64 -8.87 -8.23
CA ARG A 307 -9.06 -7.52 -8.59
C ARG A 307 -10.31 -7.51 -9.44
N SER A 308 -10.48 -8.50 -10.31
CA SER A 308 -11.62 -8.55 -11.22
C SER A 308 -12.88 -9.13 -10.58
N GLY A 309 -12.80 -9.60 -9.34
CA GLY A 309 -13.92 -10.28 -8.72
C GLY A 309 -14.06 -11.74 -9.11
N SER A 310 -13.17 -12.26 -9.97
CA SER A 310 -13.22 -13.67 -10.33
C SER A 310 -13.08 -14.56 -9.11
N SER A 311 -12.20 -14.18 -8.18
CA SER A 311 -12.08 -14.85 -6.89
C SER A 311 -12.48 -13.89 -5.79
N ARG A 312 -13.26 -14.38 -4.84
CA ARG A 312 -13.80 -13.53 -3.78
C ARG A 312 -13.03 -13.62 -2.47
N VAL A 313 -12.26 -14.67 -2.23
CA VAL A 313 -11.64 -14.90 -0.93
C VAL A 313 -10.17 -15.22 -1.12
N LEU A 314 -9.30 -14.44 -0.48
CA LEU A 314 -7.86 -14.52 -0.64
C LEU A 314 -7.22 -14.80 0.72
N ILE A 315 -6.47 -15.89 0.81
CA ILE A 315 -5.63 -16.18 1.97
C ILE A 315 -4.22 -15.74 1.65
N THR A 316 -3.61 -14.96 2.54
CA THR A 316 -2.37 -14.28 2.17
C THR A 316 -1.56 -13.97 3.42
N THR A 317 -0.26 -13.75 3.19
CA THR A 317 0.65 -13.22 4.20
C THR A 317 0.54 -11.70 4.23
N ASP A 318 1.42 -11.06 5.01
CA ASP A 318 1.51 -9.61 5.00
C ASP A 318 2.05 -9.06 3.68
N LEU A 319 2.32 -9.93 2.70
CA LEU A 319 2.59 -9.45 1.34
C LEU A 319 1.53 -8.45 0.89
N LEU A 320 0.26 -8.71 1.23
CA LEU A 320 -0.84 -7.85 0.84
C LEU A 320 -1.35 -6.95 1.97
N ALA A 321 -0.59 -6.81 3.05
CA ALA A 321 -1.08 -6.03 4.18
C ALA A 321 -1.09 -4.54 3.87
N ARG A 322 -0.16 -4.06 3.04
CA ARG A 322 0.05 -2.63 2.86
C ARG A 322 -0.30 -2.19 1.44
N GLY A 323 -1.10 -1.13 1.35
CA GLY A 323 -1.26 -0.38 0.12
C GLY A 323 -2.22 -0.95 -0.92
N ILE A 324 -2.40 -2.27 -0.93
CA ILE A 324 -3.21 -2.91 -1.96
C ILE A 324 -4.63 -2.36 -1.91
N ASP A 325 -5.13 -1.89 -3.05
CA ASP A 325 -6.43 -1.23 -3.15
C ASP A 325 -7.36 -2.05 -4.02
N VAL A 326 -8.34 -2.70 -3.40
CA VAL A 326 -9.40 -3.44 -4.09
C VAL A 326 -10.71 -2.97 -3.48
N GLN A 327 -11.40 -2.05 -4.17
CA GLN A 327 -12.56 -1.38 -3.61
C GLN A 327 -13.61 -2.36 -3.08
N GLN A 328 -13.75 -3.52 -3.73
CA GLN A 328 -14.81 -4.46 -3.39
C GLN A 328 -14.53 -5.24 -2.11
N VAL A 329 -13.34 -5.14 -1.54
CA VAL A 329 -13.06 -5.80 -0.26
C VAL A 329 -13.77 -5.02 0.84
N SER A 330 -14.62 -5.71 1.60
CA SER A 330 -15.24 -5.10 2.77
C SER A 330 -15.06 -5.95 4.02
N LEU A 331 -14.27 -7.03 3.95
CA LEU A 331 -14.08 -7.91 5.10
C LEU A 331 -12.63 -8.36 5.17
N VAL A 332 -12.01 -8.15 6.33
CA VAL A 332 -10.65 -8.61 6.62
C VAL A 332 -10.73 -9.56 7.81
N ILE A 333 -10.13 -10.74 7.66
CA ILE A 333 -10.04 -11.70 8.76
C ILE A 333 -8.58 -11.79 9.20
N ASN A 334 -8.33 -11.43 10.46
CA ASN A 334 -7.04 -11.73 11.07
C ASN A 334 -7.15 -13.13 11.66
N TYR A 335 -6.76 -14.10 10.84
CA TYR A 335 -6.67 -15.49 11.31
C TYR A 335 -5.56 -15.62 12.35
N ASP A 336 -4.37 -15.15 12.01
CA ASP A 336 -3.33 -14.86 12.99
C ASP A 336 -3.36 -13.38 13.31
N LEU A 337 -3.24 -13.04 14.58
CA LEU A 337 -3.07 -11.64 14.95
C LEU A 337 -1.69 -11.16 14.53
N PRO A 338 -1.56 -9.93 14.04
CA PRO A 338 -0.23 -9.42 13.68
C PRO A 338 0.61 -9.16 14.91
N THR A 339 1.88 -9.56 14.82
CA THR A 339 2.85 -9.32 15.89
C THR A 339 3.39 -7.91 15.90
N ASN A 340 2.98 -7.08 14.93
CA ASN A 340 3.40 -5.69 14.83
C ASN A 340 2.17 -4.82 14.93
N ARG A 341 2.17 -3.88 15.89
CA ARG A 341 1.00 -3.02 16.11
C ARG A 341 0.65 -2.22 14.86
N GLU A 342 1.66 -1.60 14.24
CA GLU A 342 1.40 -0.79 13.06
C GLU A 342 0.77 -1.61 11.95
N ASN A 343 1.20 -2.87 11.81
CA ASN A 343 0.68 -3.73 10.76
C ASN A 343 -0.82 -3.98 10.91
N TYR A 344 -1.34 -3.93 12.13
CA TYR A 344 -2.78 -4.16 12.33
C TYR A 344 -3.60 -3.14 11.55
N ILE A 345 -3.23 -1.86 11.65
CA ILE A 345 -3.95 -0.80 10.94
C ILE A 345 -3.91 -1.04 9.43
N HIS A 346 -2.76 -1.45 8.91
CA HIS A 346 -2.65 -1.67 7.47
C HIS A 346 -3.52 -2.84 7.03
N ARG A 347 -3.49 -3.93 7.79
CA ARG A 347 -4.29 -5.10 7.46
C ARG A 347 -5.77 -4.76 7.38
N ILE A 348 -6.34 -4.23 8.47
CA ILE A 348 -7.78 -3.98 8.48
C ILE A 348 -8.13 -2.91 7.45
N GLY A 349 -7.17 -2.06 7.10
CA GLY A 349 -7.38 -1.03 6.10
C GLY A 349 -7.50 -1.55 4.67
N ARG A 350 -7.31 -2.84 4.45
CA ARG A 350 -7.61 -3.39 3.12
C ARG A 350 -9.10 -3.30 2.81
N GLY A 351 -9.94 -3.30 3.84
CA GLY A 351 -11.35 -2.99 3.66
C GLY A 351 -11.63 -1.52 3.92
N GLY A 352 -12.86 -1.12 3.60
CA GLY A 352 -13.26 0.26 3.85
C GLY A 352 -12.46 1.28 3.08
N ARG A 353 -12.22 1.05 1.80
CA ARG A 353 -11.45 1.98 0.99
C ARG A 353 -12.25 3.24 0.69
N PHE A 354 -11.58 4.38 0.79
CA PHE A 354 -12.14 5.71 0.55
C PHE A 354 -13.55 5.88 1.13
N GLY A 355 -13.62 5.69 2.45
CA GLY A 355 -14.84 5.95 3.20
C GLY A 355 -15.86 4.84 3.20
N ARG A 356 -15.67 3.79 2.39
CA ARG A 356 -16.64 2.70 2.37
C ARG A 356 -16.70 2.00 3.72
N LYS A 357 -17.81 1.29 3.94
CA LYS A 357 -18.04 0.57 5.19
C LYS A 357 -17.36 -0.79 5.12
N GLY A 358 -16.64 -1.14 6.19
CA GLY A 358 -15.90 -2.38 6.24
C GLY A 358 -16.00 -3.04 7.59
N VAL A 359 -15.58 -4.30 7.65
CA VAL A 359 -15.58 -5.09 8.87
C VAL A 359 -14.24 -5.81 8.98
N ALA A 360 -13.68 -5.82 10.18
CA ALA A 360 -12.48 -6.60 10.48
C ALA A 360 -12.81 -7.58 11.59
N ILE A 361 -12.45 -8.84 11.41
CA ILE A 361 -12.71 -9.89 12.39
C ILE A 361 -11.38 -10.48 12.83
N ASN A 362 -11.13 -10.43 14.13
CA ASN A 362 -9.92 -11.01 14.72
C ASN A 362 -10.30 -12.33 15.39
N MET A 363 -9.58 -13.39 15.01
CA MET A 363 -9.78 -14.71 15.59
C MET A 363 -8.78 -14.86 16.73
N VAL A 364 -9.28 -14.94 17.96
CA VAL A 364 -8.46 -14.76 19.15
C VAL A 364 -8.59 -15.97 20.06
N THR A 365 -7.45 -16.57 20.41
CA THR A 365 -7.38 -17.60 21.43
C THR A 365 -7.23 -16.92 22.80
N GLU A 366 -7.03 -17.73 23.85
CA GLU A 366 -6.75 -17.16 25.15
C GLU A 366 -5.42 -16.41 25.14
N GLU A 367 -4.36 -17.08 24.69
CA GLU A 367 -3.04 -16.47 24.56
C GLU A 367 -3.03 -15.28 23.60
N ASP A 368 -4.10 -15.09 22.84
CA ASP A 368 -4.18 -14.02 21.84
C ASP A 368 -4.80 -12.74 22.38
N LYS A 369 -5.78 -12.82 23.28
CA LYS A 369 -6.49 -11.60 23.65
C LYS A 369 -5.64 -10.66 24.49
N ARG A 370 -4.51 -11.13 25.03
CA ARG A 370 -3.50 -10.21 25.55
C ARG A 370 -3.02 -9.28 24.44
N THR A 371 -2.69 -9.86 23.29
CA THR A 371 -2.28 -9.05 22.13
C THR A 371 -3.41 -8.14 21.67
N LEU A 372 -4.64 -8.65 21.64
CA LEU A 372 -5.77 -7.84 21.20
C LEU A 372 -5.95 -6.62 22.10
N ARG A 373 -5.74 -6.79 23.42
CA ARG A 373 -5.89 -5.67 24.33
C ARG A 373 -4.80 -4.62 24.12
N ASP A 374 -3.57 -5.06 23.87
CA ASP A 374 -2.51 -4.11 23.54
C ASP A 374 -2.86 -3.31 22.30
N ILE A 375 -3.44 -3.97 21.29
CA ILE A 375 -3.88 -3.27 20.10
C ILE A 375 -4.97 -2.26 20.45
N GLU A 376 -5.94 -2.67 21.28
CA GLU A 376 -7.03 -1.78 21.66
C GLU A 376 -6.50 -0.52 22.34
N THR A 377 -5.56 -0.66 23.26
CA THR A 377 -5.07 0.48 24.01
C THR A 377 -4.11 1.34 23.17
N PHE A 378 -3.32 0.71 22.31
CA PHE A 378 -2.43 1.46 21.42
C PHE A 378 -3.20 2.47 20.60
N TYR A 379 -4.30 2.04 19.98
CA TYR A 379 -5.07 2.89 19.08
C TYR A 379 -6.27 3.53 19.74
N ASN A 380 -6.43 3.36 21.05
CA ASN A 380 -7.61 3.86 21.77
C ASN A 380 -8.90 3.46 21.04
N THR A 381 -9.03 2.17 20.80
CA THR A 381 -10.16 1.64 20.04
C THR A 381 -10.68 0.41 20.75
N SER A 382 -11.98 0.19 20.67
CA SER A 382 -12.62 -0.93 21.35
C SER A 382 -13.08 -1.95 20.30
N ILE A 383 -12.72 -3.21 20.51
CA ILE A 383 -12.99 -4.29 19.58
C ILE A 383 -13.93 -5.27 20.29
N GLU A 384 -15.19 -5.26 19.89
CA GLU A 384 -16.24 -6.01 20.58
C GLU A 384 -16.42 -7.39 19.97
N GLU A 385 -17.11 -8.27 20.70
CA GLU A 385 -17.34 -9.61 20.19
C GLU A 385 -18.19 -9.54 18.94
N MET A 386 -17.96 -10.48 18.04
CA MET A 386 -18.63 -10.44 16.75
C MET A 386 -20.12 -10.72 16.93
N PRO A 387 -21.00 -9.91 16.37
CA PRO A 387 -22.44 -10.17 16.50
C PRO A 387 -22.91 -11.15 15.45
N LEU A 388 -24.12 -11.68 15.68
CA LEU A 388 -24.75 -12.52 14.67
C LEU A 388 -25.26 -11.71 13.49
N ASN A 389 -25.42 -10.40 13.65
CA ASN A 389 -25.92 -9.51 12.61
C ASN A 389 -24.84 -9.08 11.62
N VAL A 390 -23.67 -9.73 11.64
CA VAL A 390 -22.50 -9.17 10.96
C VAL A 390 -22.65 -9.24 9.44
N ALA A 391 -23.36 -10.24 8.92
CA ALA A 391 -23.55 -10.35 7.47
C ALA A 391 -24.22 -9.13 6.88
N ASP A 392 -24.97 -8.37 7.68
CA ASP A 392 -25.61 -7.16 7.20
C ASP A 392 -24.70 -5.95 7.21
N LEU A 393 -23.62 -5.99 8.00
CA LEU A 393 -22.63 -4.91 8.00
C LEU A 393 -21.69 -4.97 6.81
N ILE A 394 -21.78 -6.01 6.00
CA ILE A 394 -20.88 -6.20 4.88
C ILE A 394 -21.29 -5.32 3.69
PG ANP C . -3.10 2.88 2.11
O1G ANP C . -3.63 1.40 2.23
O2G ANP C . -2.90 3.48 3.54
O3G ANP C . -1.80 2.88 1.36
PB ANP C . -3.96 5.14 0.44
O1B ANP C . -2.64 5.09 -0.24
O2B ANP C . -4.03 6.36 1.38
N3B ANP C . -4.32 3.73 1.28
PA ANP C . -5.08 4.96 -2.13
O1A ANP C . -4.78 3.48 -2.37
O2A ANP C . -4.17 5.92 -2.82
O3A ANP C . -5.14 5.27 -0.58
O5' ANP C . -6.54 5.29 -2.58
C5' ANP C . -7.64 4.53 -2.04
C4' ANP C . -8.80 4.61 -2.99
O4' ANP C . -9.32 5.96 -2.98
C3' ANP C . -8.46 4.29 -4.45
O3' ANP C . -9.44 3.44 -5.03
C2' ANP C . -8.41 5.66 -5.12
O2' ANP C . -8.79 5.60 -6.49
C1' ANP C . -9.44 6.44 -4.30
N9 ANP C . -9.23 7.88 -4.29
C8 ANP C . -8.08 8.55 -3.97
N7 ANP C . -8.18 9.85 -4.05
C5 ANP C . -9.49 10.06 -4.45
C6 ANP C . -10.23 11.23 -4.70
N6 ANP C . -9.74 12.46 -4.60
N1 ANP C . -11.53 11.08 -5.07
C2 ANP C . -12.03 9.84 -5.17
N3 ANP C . -11.43 8.67 -4.96
C4 ANP C . -10.15 8.85 -4.59
MG MG D . -1.13 3.70 -0.22
C1 RCG E . 21.81 -6.66 2.90
C10 RCG E . 17.83 -10.71 -1.99
C11 RCG E . 16.49 -10.95 -2.27
C12 RCG E . 15.73 -10.00 -2.94
C13 RCG E . 16.28 -8.78 -3.37
C14 RCG E . 17.61 -8.59 -3.08
C15 RCG E . 14.03 -11.67 -3.12
C16 RCG E . 18.08 -12.79 -0.87
C17 RCG E . 20.59 -7.05 -3.96
C18 RCG E . 21.96 -7.27 -3.86
C19 RCG E . 22.82 -6.85 -4.86
C2 RCG E . 23.01 -7.66 0.96
C20 RCG E . 22.32 -6.19 -5.97
C21 RCG E . 20.96 -5.96 -6.07
C22 RCG E . 20.11 -6.39 -5.07
C23 RCG E . 24.55 -6.00 -6.81
C24 RCG E . 19.69 -5.10 -1.88
C25 RCG E . 20.84 -4.37 -1.63
C26 RCG E . 20.88 -3.00 -1.90
C27 RCG E . 19.79 -2.37 -2.44
C28 RCG E . 18.65 -3.08 -2.72
C29 RCG E . 18.60 -4.44 -2.45
C3 RCG E . 20.71 -6.73 0.73
C4 RCG E . 20.69 -7.23 -0.70
C5 RCG E . 19.61 -6.59 -1.61
C6 RCG E . 19.63 -7.51 -2.86
C7 RCG E . 19.82 -8.95 -2.27
C8 RCG E . 20.38 -8.75 -0.83
C9 RCG E . 18.41 -9.49 -2.39
N1 RCG E . 21.79 -7.01 1.47
O1 RCG E . 19.75 -6.13 1.20
O2 RCG E . 19.44 -9.15 0.15
O3 RCG E . 18.27 -7.45 -3.43
O4 RCG E . 14.42 -10.30 -3.20
O5 RCG E . 18.66 -11.57 -1.33
O6 RCG E . 20.75 -9.75 -2.97
O7 RCG E . 23.15 -5.76 -6.96
#